data_9DBR
#
_entry.id   9DBR
#
_cell.length_a   1.00
_cell.length_b   1.00
_cell.length_c   1.00
_cell.angle_alpha   90.00
_cell.angle_beta   90.00
_cell.angle_gamma   90.00
#
_symmetry.space_group_name_H-M   'P 1'
#
loop_
_entity.id
_entity.type
_entity.pdbx_description
1 polymer 'Potassium channel subfamily K member 2'
2 non-polymer 'POTASSIUM ION'
3 non-polymer cannabidiol
#
_entity_poly.entity_id   1
_entity_poly.type   'polypeptide(L)'
_entity_poly.pdbx_seq_one_letter_code
;MAAPDLLDPKSATHNTKPRLSFSSKPIVYNSGDDCESITTVMKWKTVLAIFLLVVLYLIIGATVFKALEQPEEGLQKYRI
IQEKIDFLSMHTCVQTSELEDLVKQVVLAIRAGVNPSGHPSQESSMWDLSSSFFFAGTVITTIGFGNVSPHTEGGRIFCI
IYALLGIPLFGFLLAGVGDQLGTIFGKGIAKVEKMFVKWNVSQTKIRVTSTVLFILFGCLLFVALPALIFQHIEGWSALE
SIYFVVITLTTIGFGDFVAGGSEIEYLDYYKPIVWFWILVGLAYFAAVLSMIGDWLRVISKKTKEEVGEFRAHAAEWTAN
VSSNSLEVLFQ
;
_entity_poly.pdbx_strand_id   A,B
#
loop_
_chem_comp.id
_chem_comp.type
_chem_comp.name
_chem_comp.formula
K non-polymer 'POTASSIUM ION' 'K 1'
P0T non-polymer cannabidiol 'C21 H30 O2'
#
# COMPACT_ATOMS: atom_id res chain seq x y z
N LYS A 43 3.38 -30.31 -8.37
CA LYS A 43 2.84 -30.48 -9.71
C LYS A 43 2.27 -29.18 -10.25
N TRP A 44 2.37 -28.98 -11.56
CA TRP A 44 1.79 -27.80 -12.19
C TRP A 44 0.28 -27.90 -12.30
N LYS A 45 -0.26 -29.12 -12.32
CA LYS A 45 -1.70 -29.29 -12.44
C LYS A 45 -2.43 -28.75 -11.21
N THR A 46 -1.94 -29.08 -10.02
CA THR A 46 -2.56 -28.54 -8.82
C THR A 46 -2.30 -27.04 -8.70
N VAL A 47 -1.21 -26.55 -9.29
CA VAL A 47 -0.98 -25.10 -9.35
C VAL A 47 -2.07 -24.43 -10.17
N LEU A 48 -2.42 -25.02 -11.32
CA LEU A 48 -3.51 -24.47 -12.13
C LEU A 48 -4.84 -24.58 -11.40
N ALA A 49 -5.03 -25.66 -10.64
CA ALA A 49 -6.25 -25.78 -9.84
C ALA A 49 -6.34 -24.67 -8.79
N ILE A 50 -5.23 -24.38 -8.12
CA ILE A 50 -5.20 -23.28 -7.16
C ILE A 50 -5.45 -21.94 -7.87
N PHE A 51 -4.94 -21.81 -9.09
CA PHE A 51 -5.19 -20.59 -9.87
C PHE A 51 -6.67 -20.40 -10.16
N LEU A 52 -7.35 -21.48 -10.54
CA LEU A 52 -8.79 -21.40 -10.76
C LEU A 52 -9.54 -21.08 -9.47
N LEU A 53 -9.08 -21.66 -8.36
CA LEU A 53 -9.69 -21.34 -7.06
C LEU A 53 -9.53 -19.87 -6.73
N VAL A 54 -8.34 -19.30 -7.00
CA VAL A 54 -8.10 -17.89 -6.74
C VAL A 54 -8.98 -17.02 -7.61
N VAL A 55 -9.15 -17.41 -8.89
CA VAL A 55 -10.02 -16.65 -9.78
C VAL A 55 -11.46 -16.65 -9.26
N LEU A 56 -11.94 -17.81 -8.83
CA LEU A 56 -13.29 -17.91 -8.29
C LEU A 56 -13.45 -17.06 -7.04
N TYR A 57 -12.45 -17.10 -6.15
CA TYR A 57 -12.49 -16.31 -4.92
C TYR A 57 -12.54 -14.83 -5.24
N LEU A 58 -11.74 -14.38 -6.21
CA LEU A 58 -11.76 -12.97 -6.59
C LEU A 58 -13.11 -12.57 -7.19
N ILE A 59 -13.71 -13.46 -7.99
CA ILE A 59 -15.01 -13.15 -8.58
C ILE A 59 -16.07 -12.98 -7.50
N ILE A 60 -16.10 -13.92 -6.54
CA ILE A 60 -17.07 -13.84 -5.45
C ILE A 60 -16.87 -12.58 -4.63
N GLY A 61 -15.61 -12.28 -4.30
CA GLY A 61 -15.33 -11.09 -3.53
C GLY A 61 -15.73 -9.81 -4.25
N ALA A 62 -15.46 -9.75 -5.55
CA ALA A 62 -15.85 -8.58 -6.34
C ALA A 62 -17.36 -8.40 -6.35
N THR A 63 -18.11 -9.49 -6.52
CA THR A 63 -19.56 -9.40 -6.53
C THR A 63 -20.08 -8.90 -5.19
N VAL A 64 -19.57 -9.46 -4.09
CA VAL A 64 -20.04 -9.06 -2.77
C VAL A 64 -19.68 -7.60 -2.48
N PHE A 65 -18.46 -7.18 -2.85
CA PHE A 65 -18.03 -5.82 -2.61
C PHE A 65 -18.89 -4.82 -3.37
N LYS A 66 -19.17 -5.12 -4.65
CA LYS A 66 -20.02 -4.23 -5.44
C LYS A 66 -21.42 -4.14 -4.85
N ALA A 67 -21.99 -5.29 -4.47
CA ALA A 67 -23.33 -5.30 -3.89
C ALA A 67 -23.38 -4.50 -2.59
N LEU A 68 -22.30 -4.56 -1.80
CA LEU A 68 -22.29 -3.81 -0.55
C LEU A 68 -22.09 -2.31 -0.77
N GLU A 69 -21.25 -1.93 -1.74
CA GLU A 69 -20.80 -0.55 -1.82
C GLU A 69 -21.51 0.29 -2.88
N GLN A 70 -22.47 -0.27 -3.62
CA GLN A 70 -23.25 0.58 -4.52
C GLN A 70 -24.05 1.68 -3.81
N PRO A 71 -24.84 1.40 -2.76
CA PRO A 71 -25.72 2.46 -2.22
C PRO A 71 -24.98 3.65 -1.66
N GLU A 72 -23.81 3.46 -1.06
CA GLU A 72 -23.09 4.59 -0.47
C GLU A 72 -22.66 5.58 -1.54
N GLU A 73 -22.06 5.09 -2.63
CA GLU A 73 -21.62 5.99 -3.68
C GLU A 73 -22.81 6.63 -4.39
N GLY A 74 -23.91 5.89 -4.56
CA GLY A 74 -25.10 6.50 -5.14
C GLY A 74 -25.64 7.64 -4.29
N LEU A 75 -25.75 7.41 -2.98
CA LEU A 75 -26.24 8.43 -2.07
C LEU A 75 -25.31 9.64 -2.04
N GLN A 76 -24.00 9.40 -2.05
CA GLN A 76 -23.06 10.52 -2.05
C GLN A 76 -23.18 11.35 -3.32
N LYS A 77 -23.33 10.69 -4.48
CA LYS A 77 -23.52 11.42 -5.73
C LYS A 77 -24.76 12.30 -5.68
N TYR A 78 -25.89 11.72 -5.26
CA TYR A 78 -27.13 12.51 -5.20
C TYR A 78 -27.00 13.64 -4.18
N ARG A 79 -26.37 13.39 -3.04
CA ARG A 79 -26.22 14.41 -2.01
C ARG A 79 -25.38 15.57 -2.52
N ILE A 80 -24.25 15.28 -3.18
CA ILE A 80 -23.39 16.38 -3.63
C ILE A 80 -24.07 17.16 -4.75
N ILE A 81 -24.84 16.49 -5.61
CA ILE A 81 -25.55 17.19 -6.67
C ILE A 81 -26.59 18.14 -6.08
N GLN A 82 -27.39 17.64 -5.14
CA GLN A 82 -28.41 18.49 -4.55
C GLN A 82 -27.82 19.59 -3.68
N GLU A 83 -26.65 19.37 -3.07
CA GLU A 83 -26.05 20.44 -2.28
C GLU A 83 -25.46 21.51 -3.19
N LYS A 84 -24.91 21.11 -4.33
CA LYS A 84 -24.44 22.10 -5.30
C LYS A 84 -25.59 22.93 -5.86
N ILE A 85 -26.72 22.29 -6.17
CA ILE A 85 -27.86 23.05 -6.69
C ILE A 85 -28.41 23.98 -5.60
N ASP A 86 -28.38 23.55 -4.34
CA ASP A 86 -28.81 24.41 -3.25
C ASP A 86 -27.88 25.61 -3.08
N PHE A 87 -26.57 25.38 -3.20
CA PHE A 87 -25.62 26.49 -3.10
C PHE A 87 -25.78 27.47 -4.25
N LEU A 88 -26.07 26.95 -5.45
CA LEU A 88 -26.37 27.84 -6.57
C LEU A 88 -27.64 28.64 -6.31
N SER A 89 -28.65 28.01 -5.71
CA SER A 89 -29.90 28.71 -5.41
C SER A 89 -29.69 29.82 -4.38
N MET A 90 -28.88 29.56 -3.36
CA MET A 90 -28.67 30.57 -2.31
C MET A 90 -27.96 31.80 -2.87
N HIS A 91 -26.95 31.60 -3.70
CA HIS A 91 -26.20 32.69 -4.31
C HIS A 91 -26.37 32.62 -5.83
N THR A 92 -27.32 33.40 -6.35
CA THR A 92 -27.54 33.44 -7.80
C THR A 92 -26.39 34.14 -8.52
N CYS A 93 -25.55 34.87 -7.80
CA CYS A 93 -24.40 35.53 -8.42
C CYS A 93 -23.40 34.52 -8.95
N VAL A 94 -23.25 33.38 -8.28
CA VAL A 94 -22.23 32.40 -8.65
C VAL A 94 -22.68 31.65 -9.91
N GLN A 95 -21.82 31.67 -10.92
CA GLN A 95 -22.05 30.84 -12.10
C GLN A 95 -21.66 29.39 -11.81
N THR A 96 -22.41 28.46 -12.42
CA THR A 96 -22.13 27.05 -12.20
C THR A 96 -20.75 26.68 -12.71
N SER A 97 -20.33 27.27 -13.84
CA SER A 97 -18.99 27.01 -14.36
C SER A 97 -17.93 27.49 -13.38
N GLU A 98 -18.12 28.67 -12.78
CA GLU A 98 -17.16 29.15 -11.78
C GLU A 98 -17.18 28.29 -10.54
N LEU A 99 -18.34 27.79 -10.13
CA LEU A 99 -18.43 26.88 -9.01
C LEU A 99 -17.63 25.60 -9.27
N GLU A 100 -17.79 25.03 -10.47
CA GLU A 100 -17.02 23.85 -10.81
C GLU A 100 -15.53 24.15 -10.94
N ASP A 101 -15.19 25.36 -11.37
CA ASP A 101 -13.78 25.76 -11.40
C ASP A 101 -13.19 25.81 -9.99
N LEU A 102 -13.94 26.36 -9.03
CA LEU A 102 -13.48 26.40 -7.65
C LEU A 102 -13.34 24.99 -7.09
N VAL A 103 -14.31 24.11 -7.40
CA VAL A 103 -14.21 22.72 -6.96
C VAL A 103 -12.99 22.05 -7.57
N LYS A 104 -12.70 22.35 -8.85
CA LYS A 104 -11.53 21.80 -9.50
C LYS A 104 -10.25 22.25 -8.83
N GLN A 105 -10.17 23.52 -8.47
CA GLN A 105 -9.00 24.03 -7.76
C GLN A 105 -8.85 23.36 -6.39
N VAL A 106 -9.98 23.15 -5.69
CA VAL A 106 -9.92 22.49 -4.39
C VAL A 106 -9.42 21.05 -4.53
N VAL A 107 -9.92 20.33 -5.53
CA VAL A 107 -9.47 18.95 -5.74
C VAL A 107 -8.01 18.91 -6.16
N LEU A 108 -7.57 19.89 -6.95
CA LEU A 108 -6.16 19.96 -7.33
C LEU A 108 -5.29 20.19 -6.10
N ALA A 109 -5.74 21.05 -5.18
CA ALA A 109 -5.00 21.24 -3.94
C ALA A 109 -5.02 19.98 -3.07
N ILE A 110 -6.10 19.22 -3.11
CA ILE A 110 -6.16 17.95 -2.37
C ILE A 110 -5.13 16.98 -2.93
N ARG A 111 -5.03 16.89 -4.26
CA ARG A 111 -4.01 16.06 -4.87
C ARG A 111 -2.60 16.58 -4.56
N ALA A 112 -2.46 17.90 -4.39
CA ALA A 112 -1.17 18.45 -3.99
C ALA A 112 -0.78 17.98 -2.59
N GLY A 113 -1.75 17.88 -1.68
CA GLY A 113 -1.52 17.40 -0.34
C GLY A 113 -1.82 18.41 0.76
N VAL A 114 -2.09 19.66 0.42
CA VAL A 114 -2.39 20.66 1.43
C VAL A 114 -3.86 20.57 1.83
N ASN A 115 -4.19 21.20 2.96
CA ASN A 115 -5.56 21.20 3.47
C ASN A 115 -6.32 22.38 2.90
N PRO A 116 -7.34 22.16 2.06
CA PRO A 116 -8.02 23.29 1.42
C PRO A 116 -8.94 24.04 2.38
N SER A 117 -9.63 23.29 3.25
CA SER A 117 -10.57 23.92 4.17
C SER A 117 -9.84 24.85 5.12
N GLY A 118 -10.40 26.04 5.31
CA GLY A 118 -9.72 27.04 6.11
C GLY A 118 -8.50 27.58 5.38
N HIS A 119 -7.64 28.22 6.15
CA HIS A 119 -6.39 28.76 5.64
C HIS A 119 -5.22 28.01 6.24
N PRO A 120 -4.42 27.31 5.43
CA PRO A 120 -3.27 26.58 5.98
C PRO A 120 -2.22 27.54 6.53
N SER A 121 -1.82 27.29 7.77
CA SER A 121 -0.77 28.09 8.37
C SER A 121 0.58 27.75 7.75
N GLN A 122 1.40 28.80 7.56
CA GLN A 122 2.70 28.62 6.92
C GLN A 122 3.60 27.71 7.75
N GLU A 123 3.50 27.81 9.08
CA GLU A 123 4.33 27.01 9.97
C GLU A 123 4.06 25.52 9.79
N SER A 124 2.82 25.14 9.53
CA SER A 124 2.39 23.74 9.53
C SER A 124 2.90 23.08 8.25
N SER A 125 4.17 22.69 8.28
CA SER A 125 4.84 22.03 7.16
C SER A 125 4.59 20.53 7.27
N MET A 126 3.70 20.03 6.41
CA MET A 126 3.41 18.60 6.36
C MET A 126 4.67 17.76 6.15
N TRP A 127 5.61 18.27 5.37
CA TRP A 127 6.88 17.57 5.12
C TRP A 127 7.93 17.95 6.16
N ASP A 128 7.62 17.80 7.44
CA ASP A 128 8.56 18.12 8.49
C ASP A 128 9.45 16.91 8.76
N LEU A 129 10.24 16.97 9.83
CA LEU A 129 11.19 15.90 10.13
C LEU A 129 10.47 14.61 10.52
N SER A 130 9.52 14.71 11.46
CA SER A 130 8.86 13.51 11.97
C SER A 130 8.04 12.82 10.90
N SER A 131 7.28 13.60 10.11
CA SER A 131 6.47 13.02 9.05
C SER A 131 7.34 12.40 7.96
N SER A 132 8.48 13.04 7.66
CA SER A 132 9.40 12.47 6.69
C SER A 132 9.99 11.16 7.20
N PHE A 133 10.30 11.09 8.49
CA PHE A 133 10.80 9.84 9.07
C PHE A 133 9.75 8.74 8.97
N PHE A 134 8.49 9.07 9.28
CA PHE A 134 7.42 8.09 9.15
C PHE A 134 7.24 7.66 7.70
N PHE A 135 7.34 8.59 6.75
CA PHE A 135 7.20 8.26 5.35
C PHE A 135 8.30 7.32 4.89
N ALA A 136 9.55 7.60 5.30
CA ALA A 136 10.65 6.73 4.92
C ALA A 136 10.50 5.35 5.55
N GLY A 137 10.05 5.28 6.80
CA GLY A 137 9.80 4.00 7.42
C GLY A 137 8.72 3.20 6.71
N THR A 138 7.63 3.86 6.34
CA THR A 138 6.57 3.17 5.62
C THR A 138 7.03 2.74 4.23
N VAL A 139 7.90 3.51 3.59
CA VAL A 139 8.42 3.12 2.29
C VAL A 139 9.27 1.87 2.41
N ILE A 140 10.20 1.84 3.37
CA ILE A 140 11.04 0.65 3.51
C ILE A 140 10.23 -0.55 4.00
N THR A 141 9.17 -0.30 4.77
CA THR A 141 8.36 -1.40 5.29
C THR A 141 7.37 -1.94 4.26
N THR A 142 7.18 -1.23 3.14
CA THR A 142 6.26 -1.51 2.03
C THR A 142 4.80 -1.25 2.44
N ILE A 143 4.56 -0.56 3.55
CA ILE A 143 3.19 -0.22 3.94
C ILE A 143 2.54 0.64 2.86
N GLY A 144 3.09 1.83 2.64
CA GLY A 144 2.56 2.75 1.64
C GLY A 144 1.16 3.25 1.93
N PHE A 145 1.02 4.09 2.96
CA PHE A 145 -0.30 4.62 3.31
C PHE A 145 -0.82 5.55 2.23
N GLY A 146 0.01 6.48 1.77
CA GLY A 146 -0.37 7.39 0.70
C GLY A 146 -0.97 8.70 1.13
N ASN A 147 -0.94 8.99 2.43
CA ASN A 147 -1.42 10.31 2.92
C ASN A 147 -0.44 11.37 2.42
N VAL A 148 0.83 10.99 2.25
CA VAL A 148 1.87 11.95 1.74
C VAL A 148 2.64 11.26 0.61
N SER A 149 3.13 12.04 -0.35
CA SER A 149 3.93 11.47 -1.48
C SER A 149 4.86 12.55 -2.05
N PRO A 150 6.08 12.20 -2.53
CA PRO A 150 6.96 13.20 -3.14
C PRO A 150 6.34 13.74 -4.45
N HIS A 151 6.01 15.03 -4.48
CA HIS A 151 5.43 15.65 -5.71
C HIS A 151 6.57 16.13 -6.61
N THR A 152 7.65 16.61 -6.01
CA THR A 152 8.82 17.10 -6.80
C THR A 152 9.42 15.93 -7.59
N GLU A 153 9.79 16.17 -8.85
CA GLU A 153 10.34 15.09 -9.71
C GLU A 153 11.62 14.54 -9.06
N GLY A 154 12.46 15.42 -8.51
CA GLY A 154 13.68 14.97 -7.81
C GLY A 154 13.34 14.02 -6.68
N GLY A 155 12.31 14.36 -5.89
CA GLY A 155 11.88 13.48 -4.80
C GLY A 155 11.40 12.14 -5.32
N ARG A 156 10.65 12.14 -6.42
CA ARG A 156 10.13 10.89 -7.01
C ARG A 156 11.30 9.97 -7.37
N ILE A 157 12.28 10.47 -8.12
CA ILE A 157 13.45 9.67 -8.46
C ILE A 157 14.11 9.15 -7.19
N PHE A 158 14.30 10.02 -6.20
CA PHE A 158 14.91 9.57 -4.96
C PHE A 158 14.00 8.59 -4.22
N CYS A 159 12.67 8.73 -4.34
CA CYS A 159 11.77 7.78 -3.72
C CYS A 159 11.92 6.40 -4.34
N ILE A 160 12.03 6.34 -5.67
CA ILE A 160 12.22 5.05 -6.35
C ILE A 160 13.52 4.41 -5.88
N ILE A 161 14.62 5.18 -5.91
CA ILE A 161 15.92 4.62 -5.52
C ILE A 161 15.90 4.21 -4.05
N TYR A 162 15.30 5.03 -3.20
CA TYR A 162 15.26 4.78 -1.77
C TYR A 162 14.48 3.52 -1.46
N ALA A 163 13.34 3.32 -2.10
CA ALA A 163 12.58 2.10 -1.90
C ALA A 163 13.36 0.88 -2.37
N LEU A 164 13.95 0.97 -3.58
CA LEU A 164 14.69 -0.16 -4.12
C LEU A 164 15.87 -0.55 -3.24
N LEU A 165 16.49 0.42 -2.56
CA LEU A 165 17.61 0.10 -1.69
C LEU A 165 17.15 -0.36 -0.32
N GLY A 166 16.12 0.28 0.24
CA GLY A 166 15.77 0.03 1.61
C GLY A 166 14.92 -1.21 1.85
N ILE A 167 14.09 -1.60 0.87
CA ILE A 167 13.25 -2.78 1.05
C ILE A 167 14.06 -4.04 1.31
N PRO A 168 15.13 -4.36 0.55
CA PRO A 168 15.91 -5.55 0.90
C PRO A 168 16.56 -5.49 2.28
N LEU A 169 17.04 -4.30 2.69
CA LEU A 169 17.70 -4.18 3.98
C LEU A 169 16.70 -4.40 5.13
N PHE A 170 15.53 -3.78 5.04
CA PHE A 170 14.52 -3.99 6.07
C PHE A 170 14.01 -5.43 6.06
N GLY A 171 13.90 -6.04 4.87
CA GLY A 171 13.55 -7.44 4.81
C GLY A 171 14.54 -8.33 5.52
N PHE A 172 15.84 -8.07 5.30
CA PHE A 172 16.87 -8.86 5.97
C PHE A 172 16.84 -8.66 7.48
N LEU A 173 16.66 -7.41 7.93
CA LEU A 173 16.56 -7.14 9.37
C LEU A 173 15.36 -7.85 9.98
N LEU A 174 14.21 -7.79 9.30
CA LEU A 174 13.01 -8.45 9.79
C LEU A 174 13.19 -9.95 9.85
N ALA A 175 13.82 -10.53 8.81
CA ALA A 175 14.07 -11.97 8.80
C ALA A 175 15.00 -12.39 9.92
N GLY A 176 16.05 -11.61 10.17
CA GLY A 176 16.96 -11.95 11.26
C GLY A 176 16.32 -11.88 12.62
N VAL A 177 15.57 -10.79 12.88
CA VAL A 177 14.88 -10.65 14.15
C VAL A 177 13.85 -11.77 14.32
N GLY A 178 13.12 -12.09 13.25
CA GLY A 178 12.17 -13.17 13.31
C GLY A 178 12.82 -14.52 13.56
N ASP A 179 13.98 -14.77 12.95
CA ASP A 179 14.68 -16.02 13.17
C ASP A 179 15.14 -16.14 14.63
N GLN A 180 15.70 -15.07 15.19
CA GLN A 180 16.16 -15.12 16.57
C GLN A 180 14.98 -15.32 17.53
N LEU A 181 13.90 -14.56 17.33
CA LEU A 181 12.74 -14.68 18.19
C LEU A 181 12.07 -16.04 18.03
N GLY A 182 12.04 -16.58 16.81
CA GLY A 182 11.48 -17.90 16.61
C GLY A 182 12.32 -18.99 17.25
N THR A 183 13.64 -18.84 17.22
CA THR A 183 14.51 -19.81 17.88
C THR A 183 14.28 -19.81 19.38
N ILE A 184 14.25 -18.63 19.99
CA ILE A 184 14.01 -18.60 21.43
C ILE A 184 12.59 -19.03 21.76
N PHE A 185 11.63 -18.75 20.87
CA PHE A 185 10.27 -19.25 21.05
C PHE A 185 10.22 -20.77 21.04
N GLY A 186 10.89 -21.38 20.07
CA GLY A 186 10.94 -22.83 20.01
C GLY A 186 11.58 -23.43 21.25
N LYS A 187 12.68 -22.84 21.70
CA LYS A 187 13.33 -23.35 22.92
C LYS A 187 12.43 -23.20 24.14
N GLY A 188 11.78 -22.04 24.29
CA GLY A 188 10.90 -21.84 25.42
C GLY A 188 9.68 -22.72 25.40
N ILE A 189 9.09 -22.93 24.23
CA ILE A 189 7.93 -23.79 24.11
C ILE A 189 8.31 -25.25 24.35
N ALA A 190 9.50 -25.67 23.91
CA ALA A 190 9.96 -27.01 24.22
C ALA A 190 10.21 -27.18 25.72
N LYS A 191 10.72 -26.13 26.36
CA LYS A 191 10.95 -26.19 27.80
C LYS A 191 9.65 -26.29 28.58
N VAL A 192 8.70 -25.39 28.29
CA VAL A 192 7.44 -25.38 29.04
C VAL A 192 6.59 -26.58 28.67
N GLU A 193 6.78 -27.14 27.47
CA GLU A 193 6.13 -28.39 27.11
C GLU A 193 6.64 -29.54 27.97
N LYS A 194 7.94 -29.60 28.19
CA LYS A 194 8.56 -30.70 28.94
C LYS A 194 8.79 -30.34 30.41
N MET A 195 8.01 -29.41 30.94
CA MET A 195 8.04 -29.10 32.36
C MET A 195 6.66 -29.13 33.01
N PHE A 196 5.62 -28.72 32.29
CA PHE A 196 4.29 -28.60 32.87
C PHE A 196 3.42 -29.84 32.64
N VAL A 197 3.19 -30.19 31.37
CA VAL A 197 2.39 -31.36 31.02
C VAL A 197 3.28 -32.34 30.27
N LYS A 198 3.46 -33.53 30.83
CA LYS A 198 4.33 -34.53 30.25
C LYS A 198 3.75 -35.94 30.26
N TRP A 199 2.55 -36.14 30.79
CA TRP A 199 2.05 -37.49 31.06
C TRP A 199 0.63 -37.65 30.52
N ASN A 200 0.38 -38.79 29.87
CA ASN A 200 -0.93 -39.27 29.45
C ASN A 200 -1.59 -38.38 28.39
N VAL A 201 -0.81 -37.53 27.71
CA VAL A 201 -1.31 -36.71 26.62
C VAL A 201 -0.37 -36.84 25.43
N SER A 202 -0.75 -36.22 24.32
CA SER A 202 0.09 -36.14 23.13
C SER A 202 0.90 -34.86 23.17
N GLN A 203 2.23 -34.99 23.00
CA GLN A 203 3.10 -33.82 23.03
C GLN A 203 2.84 -32.89 21.85
N THR A 204 2.46 -33.43 20.69
CA THR A 204 2.15 -32.58 19.55
C THR A 204 0.93 -31.72 19.82
N LYS A 205 -0.11 -32.30 20.44
CA LYS A 205 -1.30 -31.53 20.80
C LYS A 205 -0.96 -30.44 21.81
N ILE A 206 -0.10 -30.74 22.78
CA ILE A 206 0.31 -29.75 23.77
C ILE A 206 1.06 -28.61 23.09
N ARG A 207 1.96 -28.95 22.16
CA ARG A 207 2.70 -27.92 21.44
C ARG A 207 1.76 -27.04 20.62
N VAL A 208 0.78 -27.66 19.94
CA VAL A 208 -0.17 -26.88 19.14
C VAL A 208 -1.00 -25.96 20.03
N THR A 209 -1.48 -26.48 21.17
CA THR A 209 -2.28 -25.67 22.08
C THR A 209 -1.48 -24.50 22.66
N SER A 210 -0.23 -24.76 23.07
CA SER A 210 0.60 -23.69 23.59
C SER A 210 0.92 -22.65 22.51
N THR A 211 1.18 -23.11 21.29
CA THR A 211 1.45 -22.17 20.20
C THR A 211 0.23 -21.31 19.88
N VAL A 212 -0.96 -21.91 19.89
CA VAL A 212 -2.18 -21.14 19.67
C VAL A 212 -2.39 -20.14 20.80
N LEU A 213 -2.12 -20.55 22.04
CA LEU A 213 -2.22 -19.64 23.18
C LEU A 213 -1.28 -18.45 23.02
N PHE A 214 -0.03 -18.71 22.62
CA PHE A 214 0.94 -17.64 22.42
C PHE A 214 0.51 -16.72 21.28
N ILE A 215 0.00 -17.29 20.18
CA ILE A 215 -0.51 -16.48 19.07
C ILE A 215 -1.61 -15.55 19.55
N LEU A 216 -2.57 -16.12 20.28
CA LEU A 216 -3.70 -15.33 20.77
C LEU A 216 -3.24 -14.22 21.70
N PHE A 217 -2.34 -14.54 22.64
CA PHE A 217 -1.87 -13.55 23.60
C PHE A 217 -1.09 -12.44 22.90
N GLY A 218 -0.23 -12.80 21.95
CA GLY A 218 0.50 -11.79 21.21
C GLY A 218 -0.41 -10.91 20.37
N CYS A 219 -1.43 -11.50 19.76
CA CYS A 219 -2.39 -10.72 19.00
C CYS A 219 -3.15 -9.75 19.90
N LEU A 220 -3.59 -10.22 21.07
CA LEU A 220 -4.32 -9.34 21.98
C LEU A 220 -3.43 -8.25 22.55
N LEU A 221 -2.14 -8.53 22.76
CA LEU A 221 -1.23 -7.49 23.22
C LEU A 221 -0.76 -6.56 22.11
N PHE A 222 -0.95 -6.94 20.84
CA PHE A 222 -0.48 -6.13 19.73
C PHE A 222 -1.60 -5.63 18.81
N VAL A 223 -2.86 -5.93 19.12
CA VAL A 223 -3.97 -5.40 18.33
C VAL A 223 -4.91 -4.63 19.23
N ALA A 224 -5.40 -5.28 20.29
CA ALA A 224 -6.43 -4.67 21.14
C ALA A 224 -5.88 -3.47 21.91
N LEU A 225 -4.71 -3.61 22.52
CA LEU A 225 -4.10 -2.48 23.23
C LEU A 225 -3.77 -1.32 22.31
N PRO A 226 -3.12 -1.51 21.15
CA PRO A 226 -2.99 -0.38 20.21
C PRO A 226 -4.33 0.13 19.73
N ALA A 227 -5.35 -0.73 19.64
CA ALA A 227 -6.67 -0.25 19.27
C ALA A 227 -7.23 0.72 20.31
N LEU A 228 -7.06 0.41 21.59
CA LEU A 228 -7.48 1.34 22.63
C LEU A 228 -6.66 2.63 22.61
N ILE A 229 -5.35 2.50 22.40
CA ILE A 229 -4.49 3.69 22.38
C ILE A 229 -4.91 4.62 21.25
N PHE A 230 -5.19 4.07 20.07
CA PHE A 230 -5.68 4.88 18.95
C PHE A 230 -7.11 5.34 19.19
N GLN A 231 -7.91 4.57 19.92
CA GLN A 231 -9.26 4.97 20.28
C GLN A 231 -9.26 6.13 21.27
N HIS A 232 -8.10 6.45 21.85
CA HIS A 232 -7.98 7.62 22.71
C HIS A 232 -7.28 8.78 22.01
N ILE A 233 -6.10 8.55 21.42
CA ILE A 233 -5.37 9.67 20.81
C ILE A 233 -6.07 10.14 19.54
N GLU A 234 -6.57 9.20 18.73
CA GLU A 234 -7.20 9.57 17.47
C GLU A 234 -8.72 9.66 17.55
N GLY A 235 -9.32 9.18 18.63
CA GLY A 235 -10.77 9.24 18.77
C GLY A 235 -11.55 8.51 17.71
N TRP A 236 -10.99 7.42 17.19
CA TRP A 236 -11.70 6.58 16.25
C TRP A 236 -12.59 5.58 16.97
N SER A 237 -13.65 5.14 16.31
CA SER A 237 -14.46 4.05 16.85
C SER A 237 -13.64 2.76 16.86
N ALA A 238 -14.03 1.85 17.75
CA ALA A 238 -13.28 0.61 17.94
C ALA A 238 -13.16 -0.18 16.63
N LEU A 239 -14.23 -0.19 15.83
CA LEU A 239 -14.16 -0.84 14.53
C LEU A 239 -13.14 -0.16 13.61
N GLU A 240 -13.11 1.18 13.63
CA GLU A 240 -12.11 1.89 12.84
C GLU A 240 -10.71 1.60 13.33
N SER A 241 -10.51 1.52 14.65
CA SER A 241 -9.19 1.24 15.19
C SER A 241 -8.72 -0.16 14.81
N ILE A 242 -9.59 -1.16 14.93
CA ILE A 242 -9.16 -2.51 14.55
C ILE A 242 -8.96 -2.58 13.04
N TYR A 243 -9.73 -1.84 12.26
CA TYR A 243 -9.50 -1.80 10.82
C TYR A 243 -8.13 -1.20 10.51
N PHE A 244 -7.77 -0.12 11.20
CA PHE A 244 -6.46 0.50 10.99
C PHE A 244 -5.34 -0.47 11.36
N VAL A 245 -5.49 -1.18 12.49
CA VAL A 245 -4.44 -2.10 12.92
C VAL A 245 -4.30 -3.25 11.91
N VAL A 246 -5.42 -3.80 11.46
CA VAL A 246 -5.39 -4.91 10.51
C VAL A 246 -4.74 -4.48 9.20
N ILE A 247 -5.09 -3.29 8.71
CA ILE A 247 -4.49 -2.80 7.47
C ILE A 247 -3.00 -2.55 7.67
N THR A 248 -2.62 -1.94 8.79
CA THR A 248 -1.23 -1.54 9.00
C THR A 248 -0.32 -2.75 9.11
N LEU A 249 -0.71 -3.77 9.90
CA LEU A 249 0.15 -4.92 10.09
C LEU A 249 0.19 -5.84 8.87
N THR A 250 -0.84 -5.77 8.02
CA THR A 250 -0.91 -6.61 6.83
C THR A 250 -0.09 -6.02 5.67
N THR A 251 0.22 -4.72 5.74
CA THR A 251 0.90 -3.94 4.70
C THR A 251 0.03 -3.75 3.46
N ILE A 252 -1.28 -3.74 3.64
CA ILE A 252 -2.18 -3.29 2.57
C ILE A 252 -2.03 -1.80 2.33
N GLY A 253 -2.05 -1.01 3.40
CA GLY A 253 -1.85 0.42 3.32
C GLY A 253 -2.89 1.15 2.49
N PHE A 254 -4.14 1.12 2.93
CA PHE A 254 -5.22 1.79 2.20
C PHE A 254 -5.05 3.31 2.24
N GLY A 255 -4.86 3.87 3.42
CA GLY A 255 -4.69 5.31 3.57
C GLY A 255 -5.90 6.05 4.02
N ASP A 256 -7.07 5.40 4.10
CA ASP A 256 -8.24 6.06 4.64
C ASP A 256 -8.10 6.38 6.12
N PHE A 257 -7.22 5.68 6.83
CA PHE A 257 -6.92 5.97 8.22
C PHE A 257 -5.41 6.05 8.40
N VAL A 258 -4.94 7.13 9.00
CA VAL A 258 -3.51 7.37 9.22
C VAL A 258 -3.33 7.78 10.67
N ALA A 259 -2.24 7.31 11.28
CA ALA A 259 -1.95 7.64 12.68
C ALA A 259 -1.81 9.15 12.88
N GLY A 260 -1.10 9.81 11.98
CA GLY A 260 -0.98 11.25 12.03
C GLY A 260 -1.69 11.94 10.89
N GLY A 261 -2.77 12.65 11.20
CA GLY A 261 -3.55 13.31 10.16
C GLY A 261 -4.55 14.27 10.77
N SER A 262 -5.24 14.97 9.88
CA SER A 262 -6.29 15.95 10.17
C SER A 262 -5.77 17.18 10.91
N GLU A 263 -4.46 17.30 11.11
CA GLU A 263 -3.83 18.40 11.83
C GLU A 263 -4.52 18.66 13.18
N ILE A 264 -4.70 17.57 13.94
CA ILE A 264 -5.34 17.62 15.24
C ILE A 264 -4.34 17.76 16.37
N GLU A 265 -3.04 17.89 16.05
CA GLU A 265 -1.92 18.02 16.97
C GLU A 265 -1.63 16.70 17.65
N TYR A 266 -0.35 16.36 17.78
CA TYR A 266 0.06 15.09 18.35
C TYR A 266 1.24 15.32 19.29
N LEU A 267 1.60 14.28 20.03
CA LEU A 267 2.75 14.34 20.92
C LEU A 267 4.04 14.40 20.10
N ASP A 268 5.11 14.84 20.76
CA ASP A 268 6.40 14.99 20.11
C ASP A 268 6.88 13.65 19.56
N TYR A 269 7.20 13.64 18.27
CA TYR A 269 7.70 12.46 17.56
C TYR A 269 6.73 11.27 17.70
N TYR A 270 5.45 11.54 17.48
CA TYR A 270 4.44 10.50 17.53
C TYR A 270 4.56 9.54 16.35
N LYS A 271 4.86 10.07 15.17
CA LYS A 271 5.05 9.23 13.99
C LYS A 271 6.19 8.23 14.14
N PRO A 272 7.39 8.61 14.61
CA PRO A 272 8.43 7.58 14.82
C PRO A 272 8.03 6.48 15.79
N ILE A 273 7.36 6.82 16.90
CA ILE A 273 7.02 5.78 17.86
C ILE A 273 5.91 4.87 17.33
N VAL A 274 4.97 5.43 16.55
CA VAL A 274 3.96 4.54 15.96
C VAL A 274 4.60 3.63 14.92
N TRP A 275 5.62 4.13 14.19
CA TRP A 275 6.33 3.24 13.27
C TRP A 275 7.11 2.18 14.02
N PHE A 276 7.65 2.53 15.19
CA PHE A 276 8.33 1.53 16.02
C PHE A 276 7.36 0.45 16.47
N TRP A 277 6.12 0.84 16.83
CA TRP A 277 5.09 -0.15 17.14
C TRP A 277 4.84 -1.07 15.95
N ILE A 278 4.74 -0.48 14.75
CA ILE A 278 4.57 -1.28 13.54
C ILE A 278 5.70 -2.29 13.41
N LEU A 279 6.94 -1.84 13.60
CA LEU A 279 8.11 -2.69 13.47
C LEU A 279 8.07 -3.85 14.45
N VAL A 280 7.76 -3.55 15.71
CA VAL A 280 7.72 -4.59 16.74
C VAL A 280 6.67 -5.64 16.41
N GLY A 281 5.46 -5.17 16.09
CA GLY A 281 4.39 -6.11 15.75
C GLY A 281 4.73 -6.98 14.56
N LEU A 282 5.33 -6.40 13.52
CA LEU A 282 5.70 -7.17 12.35
C LEU A 282 6.77 -8.19 12.67
N ALA A 283 7.75 -7.82 13.50
CA ALA A 283 8.79 -8.76 13.88
C ALA A 283 8.21 -9.93 14.67
N TYR A 284 7.32 -9.65 15.62
CA TYR A 284 6.72 -10.71 16.41
C TYR A 284 5.90 -11.66 15.53
N PHE A 285 5.08 -11.10 14.64
CA PHE A 285 4.25 -11.95 13.79
C PHE A 285 5.07 -12.74 12.79
N ALA A 286 6.16 -12.16 12.26
CA ALA A 286 7.05 -12.89 11.38
C ALA A 286 7.70 -14.06 12.10
N ALA A 287 8.14 -13.84 13.35
CA ALA A 287 8.73 -14.93 14.11
C ALA A 287 7.71 -16.04 14.39
N VAL A 288 6.47 -15.65 14.71
CA VAL A 288 5.44 -16.65 14.97
C VAL A 288 5.16 -17.46 13.71
N LEU A 289 5.04 -16.80 12.57
CA LEU A 289 4.82 -17.54 11.32
C LEU A 289 6.00 -18.42 10.96
N SER A 290 7.22 -17.98 11.28
CA SER A 290 8.39 -18.82 11.05
C SER A 290 8.33 -20.09 11.90
N MET A 291 7.91 -19.96 13.17
CA MET A 291 7.74 -21.14 14.01
C MET A 291 6.66 -22.06 13.47
N ILE A 292 5.57 -21.49 12.97
CA ILE A 292 4.50 -22.30 12.39
C ILE A 292 5.01 -23.06 11.17
N GLY A 293 5.78 -22.39 10.31
CA GLY A 293 6.37 -23.07 9.17
C GLY A 293 7.38 -24.13 9.56
N ASP A 294 8.13 -23.89 10.64
CA ASP A 294 9.05 -24.91 11.15
C ASP A 294 8.29 -26.15 11.60
N TRP A 295 7.16 -25.96 12.29
CA TRP A 295 6.35 -27.12 12.67
C TRP A 295 5.74 -27.81 11.46
N LEU A 296 5.32 -27.03 10.47
CA LEU A 296 4.73 -27.60 9.25
C LEU A 296 5.76 -28.43 8.48
N ARG A 297 6.99 -27.94 8.41
CA ARG A 297 8.06 -28.65 7.70
C ARG A 297 8.45 -29.93 8.44
N LYS B 43 23.48 -13.45 15.74
CA LYS B 43 23.99 -12.81 16.95
C LYS B 43 23.23 -11.53 17.26
N TRP B 44 23.01 -11.28 18.55
CA TRP B 44 22.27 -10.09 18.97
C TRP B 44 22.99 -8.81 18.57
N LYS B 45 24.33 -8.80 18.69
CA LYS B 45 25.09 -7.62 18.32
C LYS B 45 24.98 -7.33 16.82
N THR B 46 25.01 -8.37 16.00
CA THR B 46 24.83 -8.17 14.55
C THR B 46 23.44 -7.63 14.24
N VAL B 47 22.42 -8.15 14.93
CA VAL B 47 21.06 -7.66 14.74
C VAL B 47 20.97 -6.18 15.13
N LEU B 48 21.58 -5.80 16.25
CA LEU B 48 21.56 -4.40 16.67
C LEU B 48 22.32 -3.51 15.69
N ALA B 49 23.42 -4.02 15.13
CA ALA B 49 24.15 -3.25 14.13
C ALA B 49 23.31 -3.02 12.88
N ILE B 50 22.61 -4.06 12.43
CA ILE B 50 21.72 -3.90 11.27
C ILE B 50 20.61 -2.92 11.59
N PHE B 51 20.05 -2.99 12.79
CA PHE B 51 19.00 -2.07 13.19
C PHE B 51 19.50 -0.62 13.22
N LEU B 52 20.71 -0.41 13.74
CA LEU B 52 21.28 0.94 13.75
C LEU B 52 21.55 1.44 12.35
N LEU B 53 22.01 0.56 11.45
CA LEU B 53 22.20 0.95 10.06
C LEU B 53 20.88 1.37 9.42
N VAL B 54 19.81 0.62 9.70
CA VAL B 54 18.48 0.97 9.18
C VAL B 54 18.04 2.32 9.74
N VAL B 55 18.29 2.57 11.03
CA VAL B 55 17.91 3.84 11.64
C VAL B 55 18.66 5.00 10.99
N LEU B 56 19.96 4.83 10.75
CA LEU B 56 20.72 5.89 10.08
C LEU B 56 20.22 6.13 8.67
N TYR B 57 19.89 5.05 7.95
CA TYR B 57 19.34 5.18 6.60
C TYR B 57 18.03 5.94 6.63
N LEU B 58 17.16 5.64 7.60
CA LEU B 58 15.89 6.34 7.73
C LEU B 58 16.10 7.82 8.06
N ILE B 59 17.08 8.12 8.92
CA ILE B 59 17.35 9.52 9.28
C ILE B 59 17.80 10.30 8.04
N ILE B 60 18.72 9.73 7.27
CA ILE B 60 19.21 10.40 6.07
C ILE B 60 18.09 10.61 5.06
N GLY B 61 17.27 9.56 4.86
CA GLY B 61 16.15 9.68 3.94
C GLY B 61 15.15 10.73 4.37
N ALA B 62 14.87 10.80 5.67
CA ALA B 62 13.94 11.81 6.18
C ALA B 62 14.47 13.21 5.93
N THR B 63 15.75 13.43 6.21
CA THR B 63 16.33 14.76 6.00
C THR B 63 16.27 15.17 4.54
N VAL B 64 16.67 14.27 3.63
CA VAL B 64 16.69 14.65 2.22
C VAL B 64 15.27 14.83 1.70
N PHE B 65 14.31 14.01 2.16
CA PHE B 65 12.93 14.18 1.71
C PHE B 65 12.36 15.52 2.18
N LYS B 66 12.63 15.89 3.43
CA LYS B 66 12.16 17.19 3.92
C LYS B 66 12.75 18.33 3.10
N ALA B 67 14.07 18.28 2.88
CA ALA B 67 14.73 19.34 2.12
C ALA B 67 14.21 19.40 0.69
N LEU B 68 13.83 18.25 0.12
CA LEU B 68 13.43 18.23 -1.31
C LEU B 68 11.91 18.39 -1.48
N GLU B 69 11.17 18.73 -0.42
CA GLU B 69 9.70 18.78 -0.57
C GLU B 69 9.13 20.03 0.11
N GLN B 70 9.74 20.51 1.19
CA GLN B 70 9.14 21.66 1.88
C GLN B 70 8.70 22.77 0.93
N PRO B 71 9.54 23.28 0.00
CA PRO B 71 9.13 24.45 -0.78
C PRO B 71 7.92 24.24 -1.68
N GLU B 72 7.77 23.02 -2.20
CA GLU B 72 6.64 22.71 -3.11
C GLU B 72 5.32 22.99 -2.37
N GLU B 73 5.14 22.36 -1.22
CA GLU B 73 3.90 22.52 -0.45
C GLU B 73 3.78 23.93 0.10
N GLY B 74 4.90 24.60 0.38
CA GLY B 74 4.82 26.01 0.75
C GLY B 74 4.22 26.87 -0.35
N LEU B 75 4.69 26.67 -1.57
CA LEU B 75 4.17 27.40 -2.72
C LEU B 75 2.71 27.05 -2.96
N GLN B 76 2.34 25.78 -2.80
CA GLN B 76 0.95 25.39 -2.98
C GLN B 76 0.03 26.06 -1.96
N LYS B 77 0.49 26.12 -0.69
CA LYS B 77 -0.31 26.81 0.33
C LYS B 77 -0.45 28.29 0.01
N TYR B 78 0.64 28.94 -0.42
CA TYR B 78 0.54 30.35 -0.79
C TYR B 78 -0.44 30.54 -1.95
N ARG B 79 -0.37 29.67 -2.96
CA ARG B 79 -1.24 29.79 -4.12
C ARG B 79 -2.71 29.61 -3.74
N ILE B 80 -3.01 28.61 -2.90
CA ILE B 80 -4.41 28.38 -2.56
C ILE B 80 -4.94 29.50 -1.67
N ILE B 81 -4.10 30.04 -0.78
CA ILE B 81 -4.54 31.15 0.06
C ILE B 81 -4.83 32.38 -0.78
N GLN B 82 -3.92 32.72 -1.70
CA GLN B 82 -4.15 33.91 -2.52
C GLN B 82 -5.32 33.71 -3.48
N GLU B 83 -5.52 32.49 -3.98
CA GLU B 83 -6.67 32.22 -4.84
C GLU B 83 -7.98 32.35 -4.07
N LYS B 84 -8.01 31.86 -2.83
CA LYS B 84 -9.22 32.00 -2.01
C LYS B 84 -9.52 33.46 -1.71
N ILE B 85 -8.47 34.24 -1.40
CA ILE B 85 -8.68 35.67 -1.17
C ILE B 85 -9.20 36.36 -2.42
N ASP B 86 -8.61 36.03 -3.58
CA ASP B 86 -9.04 36.65 -4.84
C ASP B 86 -10.47 36.29 -5.18
N PHE B 87 -10.87 35.03 -4.95
CA PHE B 87 -12.25 34.64 -5.25
C PHE B 87 -13.23 35.27 -4.28
N LEU B 88 -12.85 35.41 -3.01
CA LEU B 88 -13.71 36.10 -2.06
C LEU B 88 -13.89 37.57 -2.43
N SER B 89 -12.82 38.21 -2.89
CA SER B 89 -12.94 39.59 -3.36
C SER B 89 -13.69 39.67 -4.68
N MET B 90 -13.70 38.59 -5.46
CA MET B 90 -14.41 38.58 -6.74
C MET B 90 -15.91 38.73 -6.54
N HIS B 91 -16.48 38.03 -5.57
CA HIS B 91 -17.92 38.03 -5.31
C HIS B 91 -18.16 38.44 -3.86
N THR B 92 -18.70 39.64 -3.67
CA THR B 92 -19.09 40.07 -2.33
C THR B 92 -20.33 39.35 -1.84
N CYS B 93 -21.11 38.76 -2.74
CA CYS B 93 -22.30 38.00 -2.34
C CYS B 93 -21.93 36.76 -1.53
N VAL B 94 -20.82 36.12 -1.89
CA VAL B 94 -20.42 34.88 -1.23
C VAL B 94 -19.94 35.16 0.18
N GLN B 95 -20.46 34.41 1.14
CA GLN B 95 -20.02 34.50 2.52
C GLN B 95 -18.83 33.56 2.74
N THR B 96 -17.83 34.05 3.47
CA THR B 96 -16.61 33.27 3.68
C THR B 96 -16.90 31.98 4.44
N SER B 97 -17.76 32.05 5.47
CA SER B 97 -18.13 30.85 6.21
C SER B 97 -18.89 29.87 5.32
N GLU B 98 -19.79 30.38 4.48
CA GLU B 98 -20.49 29.53 3.52
C GLU B 98 -19.53 28.90 2.54
N LEU B 99 -18.54 29.67 2.07
CA LEU B 99 -17.53 29.12 1.17
C LEU B 99 -16.73 28.02 1.84
N GLU B 100 -16.35 28.21 3.11
CA GLU B 100 -15.63 27.18 3.84
C GLU B 100 -16.48 25.94 4.04
N ASP B 101 -17.78 26.11 4.29
CA ASP B 101 -18.67 24.95 4.39
C ASP B 101 -18.74 24.21 3.07
N LEU B 102 -18.81 24.95 1.96
CA LEU B 102 -18.83 24.32 0.65
C LEU B 102 -17.54 23.52 0.39
N VAL B 103 -16.40 24.11 0.73
CA VAL B 103 -15.13 23.41 0.54
C VAL B 103 -15.05 22.19 1.44
N LYS B 104 -15.59 22.29 2.66
CA LYS B 104 -15.63 21.15 3.56
C LYS B 104 -16.46 20.02 2.98
N GLN B 105 -17.61 20.34 2.40
CA GLN B 105 -18.42 19.32 1.76
C GLN B 105 -17.72 18.72 0.55
N VAL B 106 -16.97 19.55 -0.20
CA VAL B 106 -16.23 19.05 -1.36
C VAL B 106 -15.16 18.05 -0.92
N VAL B 107 -14.42 18.39 0.13
CA VAL B 107 -13.36 17.48 0.57
C VAL B 107 -13.97 16.23 1.21
N LEU B 108 -15.15 16.35 1.83
CA LEU B 108 -15.84 15.17 2.34
C LEU B 108 -16.24 14.25 1.20
N ALA B 109 -16.74 14.82 0.10
CA ALA B 109 -17.08 14.00 -1.07
C ALA B 109 -15.85 13.37 -1.70
N ILE B 110 -14.73 14.10 -1.71
CA ILE B 110 -13.49 13.53 -2.24
C ILE B 110 -13.05 12.35 -1.41
N ARG B 111 -13.09 12.48 -0.08
CA ARG B 111 -12.74 11.35 0.78
C ARG B 111 -13.75 10.21 0.65
N ALA B 112 -15.00 10.52 0.33
CA ALA B 112 -15.99 9.48 0.09
C ALA B 112 -15.67 8.68 -1.16
N GLY B 113 -15.23 9.35 -2.22
CA GLY B 113 -14.85 8.65 -3.43
C GLY B 113 -15.64 9.04 -4.66
N VAL B 114 -16.28 10.20 -4.63
CA VAL B 114 -17.04 10.71 -5.78
C VAL B 114 -16.48 12.07 -6.16
N ASN B 115 -16.34 12.31 -7.47
CA ASN B 115 -15.76 13.55 -7.96
C ASN B 115 -16.83 14.63 -8.06
N PRO B 116 -16.69 15.75 -7.34
CA PRO B 116 -17.72 16.79 -7.40
C PRO B 116 -17.59 17.70 -8.61
N SER B 117 -16.36 17.82 -9.13
CA SER B 117 -16.11 18.72 -10.26
C SER B 117 -16.87 18.29 -11.50
N GLY B 118 -16.93 17.00 -11.76
CA GLY B 118 -17.72 16.46 -12.85
C GLY B 118 -19.07 15.98 -12.34
N HIS B 119 -20.11 16.39 -13.04
CA HIS B 119 -21.46 15.98 -12.65
C HIS B 119 -21.63 14.49 -12.91
N PRO B 120 -21.91 13.68 -11.91
CA PRO B 120 -22.02 12.23 -12.12
C PRO B 120 -23.36 11.85 -12.72
N SER B 121 -23.30 10.94 -13.69
CA SER B 121 -24.50 10.40 -14.32
C SER B 121 -24.99 9.11 -13.68
N GLN B 122 -24.27 8.60 -12.68
CA GLN B 122 -24.56 7.39 -11.91
C GLN B 122 -24.47 6.11 -12.73
N GLU B 123 -24.21 6.20 -14.04
CA GLU B 123 -24.08 5.01 -14.86
C GLU B 123 -22.69 4.41 -14.75
N SER B 124 -21.66 5.26 -14.64
CA SER B 124 -20.29 4.80 -14.48
C SER B 124 -20.00 4.69 -12.99
N SER B 125 -20.50 3.61 -12.40
CA SER B 125 -20.30 3.38 -10.97
C SER B 125 -18.82 3.13 -10.68
N MET B 126 -18.31 3.79 -9.64
CA MET B 126 -16.92 3.59 -9.27
C MET B 126 -16.68 2.18 -8.75
N TRP B 127 -17.66 1.61 -8.05
CA TRP B 127 -17.58 0.21 -7.63
C TRP B 127 -18.18 -0.70 -8.71
N ASP B 128 -17.65 -0.57 -9.92
CA ASP B 128 -18.10 -1.40 -11.02
C ASP B 128 -17.57 -2.82 -10.85
N LEU B 129 -18.16 -3.75 -11.61
CA LEU B 129 -17.80 -5.17 -11.47
C LEU B 129 -16.34 -5.40 -11.83
N SER B 130 -15.90 -4.82 -12.94
CA SER B 130 -14.47 -4.90 -13.28
C SER B 130 -13.62 -4.15 -12.27
N SER B 131 -14.09 -2.98 -11.82
CA SER B 131 -13.37 -2.23 -10.80
C SER B 131 -13.33 -3.01 -9.50
N SER B 132 -14.42 -3.69 -9.14
CA SER B 132 -14.42 -4.51 -7.94
C SER B 132 -13.46 -5.68 -8.07
N PHE B 133 -13.38 -6.28 -9.26
CA PHE B 133 -12.41 -7.35 -9.48
C PHE B 133 -10.98 -6.85 -9.32
N PHE B 134 -10.69 -5.66 -9.86
CA PHE B 134 -9.37 -5.07 -9.68
C PHE B 134 -9.08 -4.78 -8.22
N PHE B 135 -10.08 -4.26 -7.50
CA PHE B 135 -9.90 -3.96 -6.08
C PHE B 135 -9.61 -5.22 -5.27
N ALA B 136 -10.36 -6.29 -5.52
CA ALA B 136 -10.12 -7.54 -4.81
C ALA B 136 -8.75 -8.12 -5.16
N GLY B 137 -8.36 -8.03 -6.44
CA GLY B 137 -7.04 -8.48 -6.83
C GLY B 137 -5.94 -7.73 -6.12
N THR B 138 -6.08 -6.40 -6.03
CA THR B 138 -5.08 -5.61 -5.31
C THR B 138 -5.10 -5.92 -3.82
N VAL B 139 -6.26 -6.26 -3.27
CA VAL B 139 -6.33 -6.62 -1.85
C VAL B 139 -5.55 -7.90 -1.58
N ILE B 140 -5.78 -8.93 -2.39
CA ILE B 140 -5.07 -10.19 -2.16
C ILE B 140 -3.60 -10.09 -2.57
N THR B 141 -3.23 -9.10 -3.39
CA THR B 141 -1.84 -8.91 -3.79
C THR B 141 -1.06 -8.04 -2.81
N THR B 142 -1.72 -7.51 -1.78
CA THR B 142 -1.12 -6.56 -0.83
C THR B 142 -0.53 -5.34 -1.52
N ILE B 143 -1.17 -4.88 -2.59
CA ILE B 143 -0.78 -3.61 -3.19
C ILE B 143 -1.43 -2.45 -2.45
N GLY B 144 -2.76 -2.42 -2.41
CA GLY B 144 -3.49 -1.42 -1.66
C GLY B 144 -3.32 -0.01 -2.18
N PHE B 145 -3.86 0.27 -3.37
CA PHE B 145 -3.78 1.62 -3.91
C PHE B 145 -4.53 2.61 -3.03
N GLY B 146 -5.72 2.25 -2.56
CA GLY B 146 -6.47 3.10 -1.67
C GLY B 146 -7.26 4.20 -2.35
N ASN B 147 -7.25 4.28 -3.68
CA ASN B 147 -8.07 5.28 -4.36
C ASN B 147 -9.55 5.02 -4.14
N VAL B 148 -9.93 3.75 -3.98
CA VAL B 148 -11.29 3.36 -3.66
C VAL B 148 -11.24 2.52 -2.38
N SER B 149 -12.03 2.92 -1.40
CA SER B 149 -12.04 2.21 -0.13
C SER B 149 -13.46 1.92 0.32
N PRO B 150 -13.68 0.80 0.99
CA PRO B 150 -15.02 0.53 1.54
C PRO B 150 -15.39 1.51 2.63
N HIS B 151 -16.65 1.94 2.62
CA HIS B 151 -17.14 2.89 3.60
C HIS B 151 -18.16 2.30 4.57
N THR B 152 -18.88 1.26 4.16
CA THR B 152 -19.80 0.58 5.07
C THR B 152 -19.02 -0.19 6.13
N GLU B 153 -19.60 -0.25 7.33
CA GLU B 153 -18.97 -0.99 8.43
C GLU B 153 -18.86 -2.47 8.09
N GLY B 154 -19.94 -3.06 7.56
CA GLY B 154 -19.87 -4.42 7.09
C GLY B 154 -18.88 -4.61 5.98
N GLY B 155 -18.76 -3.60 5.10
CA GLY B 155 -17.72 -3.65 4.09
C GLY B 155 -16.32 -3.71 4.67
N ARG B 156 -16.07 -2.93 5.72
CA ARG B 156 -14.76 -2.96 6.37
C ARG B 156 -14.49 -4.32 7.01
N ILE B 157 -15.50 -4.88 7.68
CA ILE B 157 -15.33 -6.19 8.32
C ILE B 157 -15.05 -7.26 7.27
N PHE B 158 -15.82 -7.23 6.17
CA PHE B 158 -15.60 -8.20 5.10
C PHE B 158 -14.24 -8.00 4.45
N CYS B 159 -13.77 -6.76 4.33
CA CYS B 159 -12.45 -6.52 3.76
C CYS B 159 -11.36 -7.11 4.65
N ILE B 160 -11.49 -6.94 5.97
CA ILE B 160 -10.52 -7.53 6.91
C ILE B 160 -10.48 -9.04 6.75
N ILE B 161 -11.65 -9.68 6.79
CA ILE B 161 -11.71 -11.14 6.70
C ILE B 161 -11.17 -11.61 5.35
N TYR B 162 -11.56 -10.90 4.28
CA TYR B 162 -11.16 -11.29 2.93
C TYR B 162 -9.66 -11.23 2.76
N ALA B 163 -9.02 -10.15 3.26
CA ALA B 163 -7.58 -10.05 3.15
C ALA B 163 -6.88 -11.13 3.97
N LEU B 164 -7.32 -11.32 5.22
CA LEU B 164 -6.68 -12.31 6.09
C LEU B 164 -6.82 -13.72 5.53
N LEU B 165 -7.89 -13.99 4.77
CA LEU B 165 -8.02 -15.31 4.16
C LEU B 165 -7.28 -15.42 2.84
N GLY B 166 -7.26 -14.37 2.03
CA GLY B 166 -6.73 -14.47 0.69
C GLY B 166 -5.23 -14.37 0.59
N ILE B 167 -4.59 -13.62 1.49
CA ILE B 167 -3.14 -13.39 1.35
C ILE B 167 -2.31 -14.67 1.40
N PRO B 168 -2.54 -15.61 2.34
CA PRO B 168 -1.75 -16.85 2.28
C PRO B 168 -1.96 -17.65 1.00
N LEU B 169 -3.18 -17.66 0.46
CA LEU B 169 -3.45 -18.40 -0.77
C LEU B 169 -2.71 -17.78 -1.95
N PHE B 170 -2.74 -16.45 -2.05
CA PHE B 170 -2.03 -15.78 -3.14
C PHE B 170 -0.52 -15.96 -3.00
N GLY B 171 -0.01 -15.93 -1.76
CA GLY B 171 1.41 -16.20 -1.57
C GLY B 171 1.81 -17.59 -1.97
N PHE B 172 0.96 -18.58 -1.64
CA PHE B 172 1.22 -19.96 -2.04
C PHE B 172 1.24 -20.10 -3.56
N LEU B 173 0.26 -19.48 -4.24
CA LEU B 173 0.21 -19.54 -5.69
C LEU B 173 1.44 -18.88 -6.30
N LEU B 174 1.83 -17.72 -5.76
CA LEU B 174 2.98 -17.00 -6.29
C LEU B 174 4.26 -17.81 -6.12
N ALA B 175 4.42 -18.45 -4.95
CA ALA B 175 5.58 -19.30 -4.73
C ALA B 175 5.60 -20.48 -5.69
N GLY B 176 4.44 -21.09 -5.93
CA GLY B 176 4.39 -22.22 -6.85
C GLY B 176 4.76 -21.84 -8.27
N VAL B 177 4.19 -20.73 -8.77
CA VAL B 177 4.48 -20.29 -10.13
C VAL B 177 5.94 -19.85 -10.25
N GLY B 178 6.46 -19.17 -9.23
CA GLY B 178 7.86 -18.79 -9.24
C GLY B 178 8.78 -19.99 -9.23
N ASP B 179 8.43 -21.03 -8.47
CA ASP B 179 9.24 -22.25 -8.48
C ASP B 179 9.19 -22.93 -9.84
N GLN B 180 8.03 -22.95 -10.48
CA GLN B 180 7.93 -23.52 -11.83
C GLN B 180 8.83 -22.77 -12.81
N LEU B 181 8.75 -21.44 -12.80
CA LEU B 181 9.58 -20.65 -13.71
C LEU B 181 11.05 -20.78 -13.37
N GLY B 182 11.38 -20.91 -12.08
CA GLY B 182 12.77 -21.11 -11.69
C GLY B 182 13.30 -22.45 -12.15
N THR B 183 12.48 -23.50 -12.08
CA THR B 183 12.91 -24.80 -12.60
C THR B 183 13.12 -24.75 -14.11
N ILE B 184 12.24 -24.07 -14.83
CA ILE B 184 12.42 -23.92 -16.27
C ILE B 184 13.70 -23.15 -16.58
N PHE B 185 13.94 -22.07 -15.83
CA PHE B 185 15.16 -21.28 -16.03
C PHE B 185 16.40 -22.07 -15.67
N GLY B 186 16.33 -22.93 -14.65
CA GLY B 186 17.46 -23.77 -14.31
C GLY B 186 17.76 -24.80 -15.40
N LYS B 187 16.71 -25.37 -16.00
CA LYS B 187 16.91 -26.25 -17.14
C LYS B 187 17.54 -25.49 -18.31
N GLY B 188 17.09 -24.26 -18.55
CA GLY B 188 17.71 -23.44 -19.58
C GLY B 188 19.17 -23.15 -19.31
N ILE B 189 19.51 -22.89 -18.05
CA ILE B 189 20.90 -22.68 -17.67
C ILE B 189 21.72 -23.95 -17.88
N ALA B 190 21.15 -25.10 -17.52
CA ALA B 190 21.83 -26.37 -17.75
C ALA B 190 22.09 -26.58 -19.25
N LYS B 191 21.15 -26.17 -20.09
CA LYS B 191 21.42 -26.16 -21.53
C LYS B 191 22.54 -25.19 -21.88
N VAL B 192 22.57 -24.03 -21.21
CA VAL B 192 23.62 -23.04 -21.46
C VAL B 192 24.98 -23.57 -21.04
N GLU B 193 25.04 -24.30 -19.93
CA GLU B 193 26.31 -24.81 -19.43
C GLU B 193 26.79 -25.96 -20.32
N LYS B 194 27.47 -25.62 -21.41
CA LYS B 194 27.91 -26.60 -22.38
C LYS B 194 29.35 -26.39 -22.84
N MET B 195 30.06 -25.41 -22.29
CA MET B 195 31.43 -25.06 -22.70
C MET B 195 31.49 -24.72 -24.19
N PHE B 196 30.45 -24.06 -24.70
CA PHE B 196 30.39 -23.69 -26.10
C PHE B 196 29.65 -22.37 -26.25
N VAL B 197 30.00 -21.63 -27.31
CA VAL B 197 29.57 -20.26 -27.59
C VAL B 197 29.80 -19.38 -26.37
N LYS B 198 30.92 -19.56 -25.70
CA LYS B 198 31.35 -18.64 -24.66
C LYS B 198 32.84 -18.34 -24.70
N TRP B 199 33.61 -18.96 -25.60
CA TRP B 199 35.05 -18.73 -25.76
C TRP B 199 35.84 -19.01 -24.48
N ASN B 200 35.23 -19.68 -23.51
CA ASN B 200 35.87 -20.10 -22.26
C ASN B 200 36.59 -18.94 -21.57
N VAL B 201 35.90 -17.82 -21.44
CA VAL B 201 36.45 -16.67 -20.72
C VAL B 201 36.48 -16.95 -19.23
N SER B 202 35.29 -17.18 -18.64
CA SER B 202 35.18 -17.53 -17.23
C SER B 202 33.80 -18.11 -16.98
N GLN B 203 33.75 -19.31 -16.39
CA GLN B 203 32.48 -19.98 -16.16
C GLN B 203 31.60 -19.20 -15.19
N THR B 204 32.19 -18.67 -14.12
CA THR B 204 31.42 -17.85 -13.18
C THR B 204 30.91 -16.59 -13.87
N LYS B 205 31.74 -15.98 -14.72
CA LYS B 205 31.29 -14.84 -15.52
C LYS B 205 30.15 -15.23 -16.44
N ILE B 206 30.20 -16.46 -17.00
CA ILE B 206 29.14 -16.92 -17.88
C ILE B 206 27.82 -17.06 -17.13
N ARG B 207 27.87 -17.64 -15.93
CA ARG B 207 26.65 -17.77 -15.12
C ARG B 207 26.11 -16.40 -14.72
N VAL B 208 26.99 -15.50 -14.30
CA VAL B 208 26.55 -14.15 -13.93
C VAL B 208 25.95 -13.44 -15.13
N THR B 209 26.56 -13.58 -16.30
CA THR B 209 26.05 -12.96 -17.52
C THR B 209 24.69 -13.52 -17.90
N SER B 210 24.50 -14.83 -17.76
CA SER B 210 23.21 -15.44 -18.06
C SER B 210 22.14 -14.90 -17.13
N THR B 211 22.44 -14.81 -15.83
CA THR B 211 21.47 -14.28 -14.88
C THR B 211 21.15 -12.81 -15.17
N VAL B 212 22.18 -12.03 -15.51
CA VAL B 212 21.98 -10.61 -15.81
C VAL B 212 21.14 -10.45 -17.06
N LEU B 213 21.40 -11.25 -18.09
CA LEU B 213 20.59 -11.18 -19.31
C LEU B 213 19.15 -11.58 -19.04
N PHE B 214 18.95 -12.61 -18.21
CA PHE B 214 17.59 -13.03 -17.88
C PHE B 214 16.83 -11.94 -17.16
N ILE B 215 17.44 -11.35 -16.12
CA ILE B 215 16.75 -10.31 -15.37
C ILE B 215 16.57 -9.05 -16.21
N LEU B 216 17.52 -8.75 -17.10
CA LEU B 216 17.40 -7.59 -17.97
C LEU B 216 16.25 -7.76 -18.96
N PHE B 217 16.15 -8.94 -19.58
CA PHE B 217 15.05 -9.20 -20.50
C PHE B 217 13.71 -9.16 -19.78
N GLY B 218 13.65 -9.72 -18.57
CA GLY B 218 12.41 -9.67 -17.81
C GLY B 218 12.01 -8.26 -17.41
N CYS B 219 12.99 -7.45 -17.00
CA CYS B 219 12.70 -6.06 -16.67
C CYS B 219 12.24 -5.28 -17.89
N LEU B 220 12.88 -5.52 -19.04
CA LEU B 220 12.44 -4.85 -20.26
C LEU B 220 11.03 -5.26 -20.65
N LEU B 221 10.70 -6.54 -20.46
CA LEU B 221 9.38 -7.03 -20.87
C LEU B 221 8.29 -6.55 -19.91
N PHE B 222 8.58 -6.49 -18.62
CA PHE B 222 7.53 -6.27 -17.62
C PHE B 222 7.63 -4.92 -16.91
N VAL B 223 8.61 -4.09 -17.23
CA VAL B 223 8.70 -2.77 -16.59
C VAL B 223 8.65 -1.68 -17.65
N ALA B 224 9.63 -1.68 -18.55
CA ALA B 224 9.76 -0.58 -19.51
C ALA B 224 8.62 -0.58 -20.52
N LEU B 225 8.34 -1.74 -21.13
CA LEU B 225 7.25 -1.81 -22.10
C LEU B 225 5.88 -1.52 -21.48
N PRO B 226 5.49 -2.09 -20.33
CA PRO B 226 4.24 -1.63 -19.71
C PRO B 226 4.26 -0.18 -19.32
N ALA B 227 5.42 0.38 -18.97
CA ALA B 227 5.51 1.80 -18.69
C ALA B 227 5.16 2.62 -19.92
N LEU B 228 5.68 2.22 -21.08
CA LEU B 228 5.34 2.92 -22.33
C LEU B 228 3.86 2.76 -22.65
N ILE B 229 3.31 1.56 -22.43
CA ILE B 229 1.89 1.32 -22.72
C ILE B 229 1.01 2.20 -21.87
N PHE B 230 1.29 2.26 -20.57
CA PHE B 230 0.52 3.11 -19.67
C PHE B 230 0.74 4.59 -19.97
N GLN B 231 1.95 4.97 -20.38
CA GLN B 231 2.23 6.35 -20.72
C GLN B 231 1.40 6.80 -21.92
N HIS B 232 1.28 5.92 -22.92
CA HIS B 232 0.45 6.27 -24.08
C HIS B 232 -1.03 6.26 -23.73
N ILE B 233 -1.48 5.26 -22.96
CA ILE B 233 -2.90 5.11 -22.71
C ILE B 233 -3.43 6.21 -21.80
N GLU B 234 -2.74 6.46 -20.69
CA GLU B 234 -3.22 7.40 -19.69
C GLU B 234 -2.76 8.83 -19.95
N GLY B 235 -1.93 9.06 -20.95
CA GLY B 235 -1.47 10.40 -21.25
C GLY B 235 -0.58 11.02 -20.20
N TRP B 236 0.09 10.20 -19.39
CA TRP B 236 1.01 10.69 -18.38
C TRP B 236 2.38 10.93 -19.00
N SER B 237 3.30 11.43 -18.18
CA SER B 237 4.69 11.54 -18.61
C SER B 237 5.40 10.20 -18.44
N ALA B 238 6.58 10.09 -19.06
CA ALA B 238 7.37 8.87 -18.93
C ALA B 238 7.79 8.64 -17.49
N LEU B 239 8.19 9.71 -16.80
CA LEU B 239 8.56 9.58 -15.39
C LEU B 239 7.37 9.12 -14.56
N GLU B 240 6.19 9.69 -14.81
CA GLU B 240 5.00 9.28 -14.07
C GLU B 240 4.68 7.81 -14.32
N SER B 241 4.77 7.37 -15.57
CA SER B 241 4.42 5.99 -15.89
C SER B 241 5.41 5.01 -15.28
N ILE B 242 6.72 5.30 -15.36
CA ILE B 242 7.69 4.39 -14.78
C ILE B 242 7.57 4.39 -13.25
N TYR B 243 7.24 5.54 -12.66
CA TYR B 243 6.99 5.59 -11.22
C TYR B 243 5.79 4.72 -10.84
N PHE B 244 4.72 4.80 -11.64
CA PHE B 244 3.53 3.97 -11.38
C PHE B 244 3.87 2.49 -11.48
N VAL B 245 4.64 2.11 -12.50
CA VAL B 245 4.98 0.69 -12.68
C VAL B 245 5.82 0.20 -11.52
N VAL B 246 6.83 0.97 -11.11
CA VAL B 246 7.69 0.55 -10.01
C VAL B 246 6.87 0.43 -8.72
N ILE B 247 6.06 1.45 -8.42
CA ILE B 247 5.27 1.43 -7.19
C ILE B 247 4.32 0.25 -7.17
N THR B 248 3.64 0.00 -8.29
CA THR B 248 2.69 -1.09 -8.37
C THR B 248 3.37 -2.44 -8.18
N LEU B 249 4.47 -2.67 -8.90
CA LEU B 249 5.15 -3.97 -8.82
C LEU B 249 5.77 -4.18 -7.43
N THR B 250 6.36 -3.14 -6.84
CA THR B 250 7.03 -3.28 -5.55
C THR B 250 6.05 -3.44 -4.39
N THR B 251 4.74 -3.51 -4.68
CA THR B 251 3.68 -3.66 -3.71
C THR B 251 3.57 -2.48 -2.75
N ILE B 252 4.00 -1.29 -3.18
CA ILE B 252 3.90 -0.11 -2.34
C ILE B 252 2.49 0.48 -2.40
N GLY B 253 2.03 0.82 -3.60
CA GLY B 253 0.68 1.32 -3.80
C GLY B 253 0.38 2.64 -3.13
N PHE B 254 1.00 3.72 -3.61
CA PHE B 254 0.80 5.02 -2.97
C PHE B 254 -0.59 5.57 -3.22
N GLY B 255 -1.13 5.37 -4.42
CA GLY B 255 -2.45 5.87 -4.75
C GLY B 255 -2.46 7.21 -5.47
N ASP B 256 -1.30 7.86 -5.61
CA ASP B 256 -1.25 9.10 -6.38
C ASP B 256 -1.48 8.84 -7.87
N PHE B 257 -1.05 7.68 -8.37
CA PHE B 257 -1.27 7.29 -9.76
C PHE B 257 -1.94 5.93 -9.77
N VAL B 258 -3.14 5.86 -10.37
CA VAL B 258 -3.91 4.64 -10.45
C VAL B 258 -4.19 4.34 -11.92
N ALA B 259 -4.21 3.05 -12.26
CA ALA B 259 -4.45 2.67 -13.65
C ALA B 259 -5.82 3.11 -14.12
N GLY B 260 -6.84 2.95 -13.29
CA GLY B 260 -8.17 3.40 -13.65
C GLY B 260 -8.55 4.68 -12.94
N GLY B 261 -8.62 5.78 -13.68
CA GLY B 261 -8.96 7.06 -13.09
C GLY B 261 -9.35 8.07 -14.15
N SER B 262 -10.07 9.11 -13.71
CA SER B 262 -10.47 10.25 -14.53
C SER B 262 -11.33 9.85 -15.74
N GLU B 263 -12.02 8.70 -15.64
CA GLU B 263 -13.05 8.23 -16.56
C GLU B 263 -12.80 8.49 -18.04
N ILE B 264 -11.75 7.88 -18.60
CA ILE B 264 -11.42 8.08 -20.01
C ILE B 264 -11.72 6.78 -20.76
N GLU B 265 -12.79 6.10 -20.33
CA GLU B 265 -13.36 4.95 -21.02
C GLU B 265 -12.32 3.83 -21.23
N TYR B 266 -11.89 3.27 -20.10
CA TYR B 266 -11.14 2.03 -20.13
C TYR B 266 -12.07 0.88 -20.48
N LEU B 267 -11.74 0.15 -21.54
CA LEU B 267 -12.60 -0.92 -22.03
C LEU B 267 -11.83 -2.22 -22.21
N ASP B 268 -12.49 -3.22 -22.82
CA ASP B 268 -11.87 -4.51 -23.13
C ASP B 268 -11.32 -5.19 -21.88
N TYR B 269 -12.04 -5.04 -20.77
CA TYR B 269 -11.64 -5.57 -19.47
C TYR B 269 -10.24 -5.10 -19.10
N TYR B 270 -10.10 -3.77 -18.98
CA TYR B 270 -8.81 -3.18 -18.66
C TYR B 270 -8.34 -3.58 -17.27
N LYS B 271 -9.25 -3.59 -16.30
CA LYS B 271 -8.88 -4.00 -14.95
C LYS B 271 -8.45 -5.46 -14.86
N PRO B 272 -9.17 -6.44 -15.43
CA PRO B 272 -8.64 -7.82 -15.39
C PRO B 272 -7.29 -7.98 -16.05
N ILE B 273 -7.04 -7.31 -17.18
CA ILE B 273 -5.76 -7.51 -17.86
C ILE B 273 -4.63 -6.82 -17.10
N VAL B 274 -4.90 -5.68 -16.47
CA VAL B 274 -3.82 -5.07 -15.69
C VAL B 274 -3.53 -5.89 -14.44
N TRP B 275 -4.56 -6.50 -13.84
CA TRP B 275 -4.30 -7.41 -12.72
C TRP B 275 -3.51 -8.63 -13.17
N PHE B 276 -3.82 -9.16 -14.35
CA PHE B 276 -3.09 -10.29 -14.88
C PHE B 276 -1.63 -9.94 -15.13
N TRP B 277 -1.38 -8.74 -15.66
CA TRP B 277 0.00 -8.28 -15.84
C TRP B 277 0.73 -8.16 -14.51
N ILE B 278 0.04 -7.64 -13.48
CA ILE B 278 0.63 -7.56 -12.16
C ILE B 278 1.03 -8.95 -11.66
N LEU B 279 0.12 -9.91 -11.82
CA LEU B 279 0.41 -11.28 -11.37
C LEU B 279 1.59 -11.88 -12.11
N VAL B 280 1.64 -11.70 -13.43
CA VAL B 280 2.73 -12.28 -14.22
C VAL B 280 4.07 -11.65 -13.83
N GLY B 281 4.10 -10.32 -13.67
CA GLY B 281 5.33 -9.66 -13.29
C GLY B 281 5.81 -10.08 -11.91
N LEU B 282 4.88 -10.18 -10.95
CA LEU B 282 5.27 -10.61 -9.61
C LEU B 282 5.75 -12.06 -9.60
N ALA B 283 5.12 -12.93 -10.40
CA ALA B 283 5.59 -14.31 -10.51
C ALA B 283 7.00 -14.36 -11.08
N TYR B 284 7.27 -13.56 -12.11
CA TYR B 284 8.60 -13.53 -12.71
C TYR B 284 9.64 -13.06 -11.70
N PHE B 285 9.32 -11.99 -10.96
CA PHE B 285 10.28 -11.47 -9.99
C PHE B 285 10.50 -12.46 -8.85
N ALA B 286 9.45 -13.18 -8.44
CA ALA B 286 9.61 -14.20 -7.42
C ALA B 286 10.49 -15.34 -7.92
N ALA B 287 10.34 -15.72 -9.19
CA ALA B 287 11.20 -16.75 -9.77
C ALA B 287 12.66 -16.30 -9.79
N VAL B 288 12.90 -15.04 -10.18
CA VAL B 288 14.26 -14.52 -10.20
C VAL B 288 14.84 -14.50 -8.78
N LEU B 289 14.04 -14.10 -7.80
CA LEU B 289 14.50 -14.10 -6.42
C LEU B 289 14.82 -15.51 -5.93
N SER B 290 14.00 -16.49 -6.32
CA SER B 290 14.27 -17.87 -5.95
C SER B 290 15.58 -18.36 -6.56
N MET B 291 15.83 -18.02 -7.83
CA MET B 291 17.09 -18.39 -8.45
C MET B 291 18.27 -17.71 -7.75
N ILE B 292 18.11 -16.45 -7.39
CA ILE B 292 19.17 -15.72 -6.68
C ILE B 292 19.45 -16.39 -5.34
N GLY B 293 18.40 -16.77 -4.62
CA GLY B 293 18.58 -17.46 -3.35
C GLY B 293 19.25 -18.81 -3.52
N ASP B 294 18.94 -19.51 -4.62
CA ASP B 294 19.64 -20.76 -4.92
C ASP B 294 21.13 -20.52 -5.15
N TRP B 295 21.46 -19.45 -5.87
CA TRP B 295 22.88 -19.15 -6.11
C TRP B 295 23.58 -18.75 -4.84
N LEU B 296 22.91 -17.99 -3.97
CA LEU B 296 23.54 -17.54 -2.73
C LEU B 296 23.75 -18.69 -1.75
N ARG B 297 22.84 -19.65 -1.73
CA ARG B 297 22.94 -20.77 -0.80
C ARG B 297 23.34 -22.05 -1.52
K K C . 2.92 -4.55 0.67
K K D . -0.24 0.48 0.20
C10 P0T E . 2.70 -10.85 5.12
C11 P0T E . 4.72 -9.01 1.71
C12 P0T E . 6.63 -8.79 3.16
C13 P0T E . 5.17 -8.02 7.82
C14 P0T E . 1.56 -10.31 4.33
C03 P0T E . 4.09 -10.63 4.55
C04 P0T E . 4.31 -9.14 4.21
C05 P0T E . 5.20 -11.12 5.48
C06 P0T E . 5.32 -10.31 6.76
C07 P0T E . 4.70 -8.34 5.41
C08 P0T E . 5.25 -8.97 3.01
C09 P0T E . 5.04 -8.85 6.59
C15 P0T E . 6.90 -8.68 0.76
C16 P0T E . 5.53 -8.86 0.60
C17 P0T E . 7.44 -8.64 2.04
C18 P0T E . 7.80 -8.51 -0.44
C19 P0T E . 2.47 -11.49 6.27
C20 P0T E . 7.29 -9.13 -1.72
C21 P0T E . 8.15 -8.75 -2.92
C22 P0T E . 7.65 -9.33 -4.23
C23 P0T E . 8.49 -8.96 -5.42
O01 P0T E . 3.37 -9.19 1.54
O02 P0T E . 7.26 -8.74 4.37
#